data_2HJV
#
_entry.id   2HJV
#
_cell.length_a   105.20
_cell.length_b   105.20
_cell.length_c   66.03
_cell.angle_alpha   90.
_cell.angle_beta   90.
_cell.angle_gamma   120.
#
_symmetry.space_group_name_H-M   'P 61'
#
loop_
_entity.id
_entity.type
_entity.pdbx_description
1 polymer 'ATP-dependent RNA helicase dbpA'
2 water water
#
_entity_poly.entity_id   1
_entity_poly.type   'polypeptide(L)'
_entity_poly.pdbx_seq_one_letter_code
;MAAGLTTRNIEHAVIQVREENKFSLLKDVLMTENPDSCIIFCRTKEHVNQLTDELDDLGYPCDKIHGGMIQEDRFDVMNE
FKRGEYRYLVATDVAARGIDIENISLVINYDLPLEKESYVHRTGRTGRAGNKGKAISFVTAFEKRFLADIEEYIGFEIQK
IEA
;
_entity_poly.pdbx_strand_id   A,B
#
# COMPACT_ATOMS: atom_id res chain seq x y z
N THR A 6 -34.22 -3.61 -9.80
CA THR A 6 -34.16 -2.54 -8.76
C THR A 6 -33.42 -1.29 -9.24
N THR A 7 -33.93 -0.12 -8.89
CA THR A 7 -33.36 1.15 -9.31
C THR A 7 -31.97 1.45 -8.79
N ARG A 8 -31.06 1.82 -9.69
CA ARG A 8 -29.70 2.19 -9.31
C ARG A 8 -29.69 3.71 -9.23
N ASN A 9 -28.99 4.25 -8.24
CA ASN A 9 -28.93 5.69 -8.09
C ASN A 9 -27.50 6.18 -8.16
N ILE A 10 -27.08 6.56 -9.37
CA ILE A 10 -25.73 7.05 -9.58
C ILE A 10 -25.75 8.32 -10.40
N GLU A 11 -25.20 9.37 -9.84
CA GLU A 11 -25.09 10.64 -10.55
C GLU A 11 -23.72 10.52 -11.23
N HIS A 12 -23.65 10.72 -12.55
CA HIS A 12 -22.39 10.65 -13.28
C HIS A 12 -21.97 12.07 -13.69
N ALA A 13 -20.67 12.32 -13.69
CA ALA A 13 -20.15 13.62 -14.09
C ALA A 13 -18.73 13.48 -14.60
N VAL A 14 -18.38 14.35 -15.54
CA VAL A 14 -17.08 14.38 -16.16
C VAL A 14 -16.48 15.76 -15.91
N ILE A 15 -15.19 15.78 -15.63
CA ILE A 15 -14.51 17.05 -15.44
C ILE A 15 -13.33 17.04 -16.39
N GLN A 16 -13.28 18.03 -17.27
CA GLN A 16 -12.18 18.13 -18.21
C GLN A 16 -11.00 18.73 -17.43
N VAL A 17 -9.85 18.07 -17.51
CA VAL A 17 -8.70 18.52 -16.78
C VAL A 17 -7.40 18.06 -17.44
N ARG A 18 -6.37 18.88 -17.33
CA ARG A 18 -5.08 18.52 -17.90
C ARG A 18 -4.41 17.52 -16.96
N GLU A 19 -3.63 16.60 -17.52
CA GLU A 19 -2.98 15.58 -16.72
C GLU A 19 -2.22 16.11 -15.49
N GLU A 20 -1.44 17.18 -15.69
CA GLU A 20 -0.65 17.77 -14.60
C GLU A 20 -1.47 18.46 -13.50
N ASN A 21 -2.77 18.66 -13.73
CA ASN A 21 -3.61 19.30 -12.74
C ASN A 21 -4.60 18.33 -12.06
N LYS A 22 -4.49 17.04 -12.36
CA LYS A 22 -5.36 16.04 -11.77
C LYS A 22 -5.25 15.92 -10.25
N PHE A 23 -4.03 15.93 -9.71
CA PHE A 23 -3.90 15.78 -8.27
C PHE A 23 -4.55 16.94 -7.55
N SER A 24 -4.30 18.15 -8.04
CA SER A 24 -4.91 19.32 -7.43
C SER A 24 -6.43 19.21 -7.50
N LEU A 25 -6.95 18.69 -8.61
CA LEU A 25 -8.39 18.51 -8.80
C LEU A 25 -8.93 17.46 -7.81
N LEU A 26 -8.19 16.37 -7.64
CA LEU A 26 -8.64 15.32 -6.72
C LEU A 26 -8.82 15.90 -5.31
N LYS A 27 -7.85 16.68 -4.85
CA LYS A 27 -7.95 17.28 -3.52
C LYS A 27 -9.19 18.15 -3.39
N ASP A 28 -9.54 18.90 -4.43
CA ASP A 28 -10.74 19.74 -4.41
C ASP A 28 -12.02 18.90 -4.39
N VAL A 29 -12.05 17.85 -5.21
CA VAL A 29 -13.22 16.96 -5.28
C VAL A 29 -13.47 16.27 -3.94
N LEU A 30 -12.39 15.79 -3.30
CA LEU A 30 -12.54 15.12 -2.01
C LEU A 30 -12.99 16.11 -0.95
N MET A 31 -12.47 17.33 -1.02
CA MET A 31 -12.84 18.37 -0.08
C MET A 31 -14.33 18.70 -0.23
N THR A 32 -14.79 18.82 -1.48
CA THR A 32 -16.18 19.15 -1.74
C THR A 32 -17.16 17.99 -1.54
N GLU A 33 -16.80 16.79 -2.00
CA GLU A 33 -17.68 15.64 -1.83
C GLU A 33 -17.64 15.06 -0.41
N ASN A 34 -16.49 15.15 0.24
CA ASN A 34 -16.32 14.63 1.61
C ASN A 34 -17.01 13.27 1.79
N PRO A 35 -16.70 12.31 0.91
CA PRO A 35 -17.31 10.97 0.97
C PRO A 35 -16.92 10.10 2.16
N ASP A 36 -17.84 9.24 2.61
CA ASP A 36 -17.51 8.34 3.71
C ASP A 36 -16.70 7.16 3.16
N SER A 37 -16.94 6.81 1.90
CA SER A 37 -16.18 5.74 1.23
C SER A 37 -15.99 6.14 -0.25
N CYS A 38 -14.76 5.99 -0.73
CA CYS A 38 -14.42 6.38 -2.10
C CYS A 38 -13.29 5.53 -2.71
N ILE A 39 -13.47 5.12 -3.95
CA ILE A 39 -12.43 4.36 -4.61
C ILE A 39 -11.96 5.20 -5.79
N ILE A 40 -10.65 5.36 -5.89
CA ILE A 40 -10.04 6.17 -6.93
C ILE A 40 -9.27 5.24 -7.88
N PHE A 41 -9.83 5.03 -9.06
CA PHE A 41 -9.23 4.14 -10.05
C PHE A 41 -8.21 4.78 -10.97
N CYS A 42 -7.08 4.08 -11.13
CA CYS A 42 -6.01 4.53 -12.01
C CYS A 42 -5.78 3.42 -13.04
N ARG A 43 -5.13 3.78 -14.14
CA ARG A 43 -4.87 2.81 -15.19
C ARG A 43 -3.70 1.85 -14.94
N THR A 44 -2.67 2.30 -14.25
CA THR A 44 -1.51 1.43 -14.02
C THR A 44 -1.09 1.43 -12.57
N LYS A 45 -0.35 0.40 -12.17
CA LYS A 45 0.10 0.31 -10.79
C LYS A 45 1.06 1.45 -10.48
N GLU A 46 1.78 1.93 -11.49
CA GLU A 46 2.70 3.04 -11.30
C GLU A 46 1.94 4.32 -10.88
N HIS A 47 0.78 4.55 -11.51
CA HIS A 47 -0.05 5.71 -11.17
C HIS A 47 -0.58 5.53 -9.75
N VAL A 48 -1.02 4.32 -9.45
CA VAL A 48 -1.55 4.05 -8.11
C VAL A 48 -0.50 4.34 -7.03
N ASN A 49 0.72 3.85 -7.25
CA ASN A 49 1.79 4.06 -6.27
C ASN A 49 2.10 5.53 -6.06
N GLN A 50 2.22 6.28 -7.17
CA GLN A 50 2.52 7.70 -7.08
C GLN A 50 1.42 8.48 -6.36
N LEU A 51 0.16 8.23 -6.73
CA LEU A 51 -0.95 8.92 -6.10
C LEU A 51 -1.05 8.63 -4.59
N THR A 52 -0.84 7.37 -4.22
CA THR A 52 -0.92 7.01 -2.80
C THR A 52 0.19 7.74 -2.02
N ASP A 53 1.39 7.81 -2.59
CA ASP A 53 2.48 8.52 -1.93
C ASP A 53 2.13 9.99 -1.72
N GLU A 54 1.54 10.62 -2.73
CA GLU A 54 1.20 12.03 -2.63
C GLU A 54 0.08 12.27 -1.60
N LEU A 55 -0.87 11.35 -1.54
CA LEU A 55 -1.96 11.47 -0.58
C LEU A 55 -1.39 11.22 0.83
N ASP A 56 -0.49 10.24 0.93
CA ASP A 56 0.17 9.90 2.20
C ASP A 56 0.96 11.08 2.76
N ASP A 57 1.72 11.74 1.89
CA ASP A 57 2.53 12.87 2.31
C ASP A 57 1.70 14.05 2.81
N LEU A 58 0.42 14.09 2.45
CA LEU A 58 -0.44 15.17 2.89
C LEU A 58 -1.34 14.80 4.06
N GLY A 59 -1.27 13.55 4.51
CA GLY A 59 -2.07 13.15 5.65
C GLY A 59 -3.43 12.54 5.37
N TYR A 60 -3.68 12.11 4.13
CA TYR A 60 -4.96 11.49 3.82
C TYR A 60 -4.93 10.02 4.22
N PRO A 61 -5.92 9.55 5.01
CA PRO A 61 -5.93 8.14 5.42
C PRO A 61 -6.40 7.34 4.20
N CYS A 62 -5.46 6.62 3.58
CA CYS A 62 -5.80 5.85 2.39
C CYS A 62 -4.96 4.59 2.34
N ASP A 63 -5.20 3.79 1.30
CA ASP A 63 -4.44 2.58 1.09
C ASP A 63 -4.60 2.26 -0.39
N LYS A 64 -3.89 1.26 -0.86
CA LYS A 64 -3.94 0.92 -2.27
C LYS A 64 -4.00 -0.56 -2.56
N ILE A 65 -4.45 -0.86 -3.79
CA ILE A 65 -4.55 -2.23 -4.27
C ILE A 65 -4.22 -2.23 -5.76
N HIS A 66 -3.28 -3.08 -6.19
CA HIS A 66 -2.98 -3.20 -7.62
C HIS A 66 -2.35 -4.56 -7.89
N GLY A 67 -2.14 -4.87 -9.18
CA GLY A 67 -1.60 -6.16 -9.56
C GLY A 67 -0.20 -6.55 -9.15
N GLY A 68 0.56 -5.62 -8.59
CA GLY A 68 1.90 -5.92 -8.15
C GLY A 68 1.95 -6.39 -6.71
N MET A 69 0.78 -6.52 -6.10
CA MET A 69 0.66 -6.95 -4.71
C MET A 69 0.21 -8.41 -4.67
N ILE A 70 0.72 -9.19 -3.72
CA ILE A 70 0.30 -10.58 -3.65
C ILE A 70 -1.17 -10.62 -3.22
N GLN A 71 -1.85 -11.73 -3.54
CA GLN A 71 -3.26 -11.95 -3.24
C GLN A 71 -3.67 -11.67 -1.78
N GLU A 72 -2.91 -12.19 -0.81
CA GLU A 72 -3.29 -11.97 0.59
C GLU A 72 -3.22 -10.51 1.00
N ASP A 73 -2.38 -9.71 0.35
CA ASP A 73 -2.31 -8.29 0.70
C ASP A 73 -3.52 -7.57 0.11
N ARG A 74 -3.86 -7.88 -1.13
CA ARG A 74 -5.01 -7.25 -1.75
C ARG A 74 -6.25 -7.55 -0.94
N PHE A 75 -6.36 -8.79 -0.48
CA PHE A 75 -7.51 -9.23 0.32
C PHE A 75 -7.58 -8.48 1.66
N ASP A 76 -6.46 -8.45 2.38
CA ASP A 76 -6.43 -7.78 3.67
C ASP A 76 -6.68 -6.27 3.51
N VAL A 77 -6.18 -5.68 2.44
CA VAL A 77 -6.40 -4.24 2.26
C VAL A 77 -7.90 -3.97 2.01
N MET A 78 -8.55 -4.86 1.28
CA MET A 78 -9.97 -4.68 0.98
C MET A 78 -10.81 -4.89 2.25
N ASN A 79 -10.34 -5.73 3.17
CA ASN A 79 -11.08 -5.95 4.40
C ASN A 79 -11.02 -4.71 5.28
N GLU A 80 -9.87 -4.05 5.33
CA GLU A 80 -9.73 -2.83 6.13
C GLU A 80 -10.68 -1.76 5.58
N PHE A 81 -10.86 -1.75 4.26
CA PHE A 81 -11.74 -0.80 3.60
C PHE A 81 -13.18 -1.14 4.00
N LYS A 82 -13.51 -2.42 3.95
CA LYS A 82 -14.84 -2.91 4.33
C LYS A 82 -15.16 -2.58 5.79
N ARG A 83 -14.12 -2.55 6.62
CA ARG A 83 -14.30 -2.25 8.04
C ARG A 83 -14.33 -0.74 8.29
N GLY A 84 -14.07 0.03 7.24
CA GLY A 84 -14.09 1.47 7.38
C GLY A 84 -12.87 2.06 8.07
N GLU A 85 -11.74 1.37 8.02
CA GLU A 85 -10.54 1.87 8.68
C GLU A 85 -9.92 3.05 7.94
N TYR A 86 -10.33 3.25 6.70
CA TYR A 86 -9.86 4.38 5.91
C TYR A 86 -10.95 4.75 4.92
N ARG A 87 -10.91 5.96 4.39
CA ARG A 87 -11.96 6.41 3.48
C ARG A 87 -11.65 6.34 2.00
N TYR A 88 -10.38 6.37 1.65
CA TYR A 88 -9.99 6.37 0.25
C TYR A 88 -9.12 5.19 -0.17
N LEU A 89 -9.61 4.45 -1.15
CA LEU A 89 -8.86 3.32 -1.69
C LEU A 89 -8.37 3.73 -3.10
N VAL A 90 -7.06 3.66 -3.34
CA VAL A 90 -6.51 3.99 -4.66
C VAL A 90 -6.26 2.64 -5.29
N ALA A 91 -6.74 2.42 -6.52
CA ALA A 91 -6.62 1.11 -7.12
C ALA A 91 -6.69 1.03 -8.63
N THR A 92 -6.25 -0.11 -9.15
CA THR A 92 -6.36 -0.37 -10.57
C THR A 92 -7.61 -1.22 -10.66
N ASP A 93 -8.00 -1.61 -11.87
CA ASP A 93 -9.21 -2.40 -12.10
C ASP A 93 -9.24 -3.75 -11.39
N VAL A 94 -8.09 -4.25 -10.98
CA VAL A 94 -8.06 -5.53 -10.29
C VAL A 94 -8.91 -5.47 -9.01
N ALA A 95 -9.05 -4.29 -8.43
CA ALA A 95 -9.85 -4.13 -7.21
C ALA A 95 -11.34 -4.25 -7.49
N ALA A 96 -11.74 -4.00 -8.74
CA ALA A 96 -13.13 -4.08 -9.14
C ALA A 96 -13.57 -5.51 -9.45
N ARG A 97 -12.63 -6.40 -9.74
CA ARG A 97 -13.00 -7.77 -10.06
C ARG A 97 -13.34 -8.58 -8.82
N GLY A 98 -14.57 -9.08 -8.78
CA GLY A 98 -15.02 -9.86 -7.64
C GLY A 98 -15.38 -8.95 -6.49
N ILE A 99 -15.24 -7.64 -6.71
CA ILE A 99 -15.55 -6.64 -5.69
C ILE A 99 -16.93 -6.96 -5.09
N ASP A 100 -17.00 -7.00 -3.76
CA ASP A 100 -18.26 -7.32 -3.10
C ASP A 100 -18.56 -6.45 -1.88
N ILE A 101 -17.81 -5.36 -1.73
CA ILE A 101 -18.04 -4.45 -0.62
C ILE A 101 -19.46 -3.88 -0.72
N GLU A 102 -20.21 -4.02 0.36
CA GLU A 102 -21.59 -3.56 0.43
C GLU A 102 -21.88 -2.27 -0.34
N ASN A 103 -21.11 -1.22 -0.06
CA ASN A 103 -21.34 0.05 -0.74
C ASN A 103 -20.12 0.96 -0.82
N ILE A 104 -20.00 1.68 -1.93
CA ILE A 104 -18.93 2.66 -2.10
C ILE A 104 -19.69 3.89 -2.60
N SER A 105 -19.64 4.97 -1.83
CA SER A 105 -20.39 6.17 -2.17
C SER A 105 -19.92 6.97 -3.37
N LEU A 106 -18.62 7.05 -3.55
CA LEU A 106 -18.02 7.82 -4.65
C LEU A 106 -16.97 7.04 -5.40
N VAL A 107 -17.08 7.04 -6.73
CA VAL A 107 -16.07 6.42 -7.58
C VAL A 107 -15.48 7.57 -8.37
N ILE A 108 -14.15 7.66 -8.35
CA ILE A 108 -13.45 8.69 -9.10
C ILE A 108 -12.56 8.01 -10.12
N ASN A 109 -12.82 8.25 -11.40
CA ASN A 109 -11.94 7.67 -12.41
C ASN A 109 -10.83 8.71 -12.65
N TYR A 110 -9.78 8.61 -11.85
CA TYR A 110 -8.63 9.52 -11.91
C TYR A 110 -8.07 9.44 -13.33
N ASP A 111 -8.07 8.23 -13.88
CA ASP A 111 -7.66 7.99 -15.27
C ASP A 111 -8.96 7.42 -15.87
N LEU A 112 -9.47 8.00 -16.96
CA LEU A 112 -10.68 7.48 -17.59
C LEU A 112 -10.41 6.07 -18.11
N PRO A 113 -11.40 5.16 -18.00
CA PRO A 113 -11.16 3.79 -18.49
C PRO A 113 -11.06 3.81 -20.02
N LEU A 114 -10.08 3.10 -20.56
CA LEU A 114 -9.87 3.08 -22.00
C LEU A 114 -10.57 1.91 -22.68
N GLU A 115 -11.33 1.17 -21.89
CA GLU A 115 -12.12 0.05 -22.35
C GLU A 115 -13.47 0.37 -21.71
N LYS A 116 -14.49 0.55 -22.54
CA LYS A 116 -15.84 0.93 -22.08
C LYS A 116 -16.48 0.07 -20.99
N GLU A 117 -16.29 -1.24 -21.08
CA GLU A 117 -16.86 -2.14 -20.09
C GLU A 117 -16.37 -1.79 -18.68
N SER A 118 -15.12 -1.34 -18.59
CA SER A 118 -14.53 -0.96 -17.31
C SER A 118 -15.29 0.14 -16.57
N TYR A 119 -15.88 1.08 -17.32
CA TYR A 119 -16.63 2.17 -16.68
C TYR A 119 -17.74 1.58 -15.81
N VAL A 120 -18.45 0.60 -16.36
CA VAL A 120 -19.55 -0.03 -15.64
C VAL A 120 -19.03 -0.91 -14.50
N HIS A 121 -17.95 -1.63 -14.77
CA HIS A 121 -17.35 -2.51 -13.78
C HIS A 121 -16.93 -1.72 -12.53
N ARG A 122 -16.35 -0.54 -12.73
CA ARG A 122 -15.88 0.29 -11.64
C ARG A 122 -17.01 0.81 -10.73
N THR A 123 -18.20 1.00 -11.28
CA THR A 123 -19.33 1.48 -10.50
C THR A 123 -20.17 0.32 -9.92
N GLY A 124 -19.66 -0.90 -10.08
CA GLY A 124 -20.36 -2.09 -9.58
C GLY A 124 -20.94 -2.11 -8.17
N ARG A 125 -20.31 -1.42 -7.22
CA ARG A 125 -20.83 -1.43 -5.84
C ARG A 125 -21.30 -0.06 -5.39
N THR A 126 -21.65 0.78 -6.36
CA THR A 126 -22.11 2.12 -6.09
C THR A 126 -23.57 2.27 -6.51
N GLY A 127 -24.32 3.06 -5.74
CA GLY A 127 -25.72 3.31 -6.07
C GLY A 127 -26.71 2.15 -5.97
N ARG A 128 -26.40 1.16 -5.14
CA ARG A 128 -27.29 0.01 -5.00
C ARG A 128 -28.11 0.01 -3.72
N ALA A 129 -29.26 -0.69 -3.77
CA ALA A 129 -30.14 -0.84 -2.62
C ALA A 129 -30.52 0.44 -1.88
N GLY A 130 -30.82 1.50 -2.62
CA GLY A 130 -31.22 2.74 -1.97
C GLY A 130 -30.10 3.73 -1.68
N ASN A 131 -28.86 3.27 -1.75
CA ASN A 131 -27.74 4.17 -1.51
C ASN A 131 -27.66 5.14 -2.70
N LYS A 132 -27.34 6.39 -2.43
CA LYS A 132 -27.18 7.37 -3.49
C LYS A 132 -25.70 7.32 -3.83
N GLY A 133 -25.36 7.07 -5.09
CA GLY A 133 -23.96 7.00 -5.46
C GLY A 133 -23.56 8.06 -6.47
N LYS A 134 -22.25 8.21 -6.67
CA LYS A 134 -21.73 9.20 -7.59
C LYS A 134 -20.47 8.69 -8.29
N ALA A 135 -20.32 9.03 -9.57
CA ALA A 135 -19.14 8.64 -10.33
C ALA A 135 -18.64 9.89 -11.04
N ILE A 136 -17.41 10.28 -10.75
CA ILE A 136 -16.79 11.46 -11.34
C ILE A 136 -15.58 11.00 -12.15
N SER A 137 -15.51 11.37 -13.42
CA SER A 137 -14.38 10.95 -14.26
C SER A 137 -13.53 12.13 -14.70
N PHE A 138 -12.21 11.99 -14.62
CA PHE A 138 -11.31 13.06 -15.08
C PHE A 138 -10.97 12.71 -16.54
N VAL A 139 -11.15 13.67 -17.44
CA VAL A 139 -10.90 13.43 -18.87
C VAL A 139 -9.99 14.49 -19.48
N THR A 140 -8.91 14.06 -20.13
CA THR A 140 -7.99 15.04 -20.75
C THR A 140 -8.45 15.36 -22.17
N ALA A 141 -7.81 16.34 -22.79
CA ALA A 141 -8.16 16.74 -24.15
C ALA A 141 -7.95 15.61 -25.16
N PHE A 142 -7.10 14.65 -24.83
CA PHE A 142 -6.82 13.55 -25.74
C PHE A 142 -7.73 12.31 -25.62
N GLU A 143 -8.67 12.32 -24.67
CA GLU A 143 -9.54 11.15 -24.47
C GLU A 143 -11.01 11.33 -24.87
N LYS A 144 -11.29 12.26 -25.76
CA LYS A 144 -12.68 12.48 -26.18
C LYS A 144 -13.35 11.28 -26.82
N ARG A 145 -12.61 10.53 -27.64
CA ARG A 145 -13.18 9.36 -28.30
C ARG A 145 -13.42 8.25 -27.30
N PHE A 146 -12.57 8.14 -26.27
CA PHE A 146 -12.77 7.09 -25.27
C PHE A 146 -14.02 7.42 -24.45
N LEU A 147 -14.26 8.71 -24.24
CA LEU A 147 -15.43 9.12 -23.47
C LEU A 147 -16.69 8.85 -24.29
N ALA A 148 -16.63 9.15 -25.58
CA ALA A 148 -17.76 8.91 -26.47
C ALA A 148 -18.09 7.41 -26.52
N ASP A 149 -17.07 6.57 -26.52
CA ASP A 149 -17.29 5.10 -26.52
C ASP A 149 -18.08 4.71 -25.26
N ILE A 150 -17.67 5.23 -24.13
CA ILE A 150 -18.35 4.92 -22.88
C ILE A 150 -19.82 5.36 -22.89
N GLU A 151 -20.06 6.59 -23.33
CA GLU A 151 -21.43 7.12 -23.36
C GLU A 151 -22.34 6.34 -24.30
N GLU A 152 -21.84 5.94 -25.46
CA GLU A 152 -22.68 5.17 -26.38
C GLU A 152 -22.97 3.81 -25.75
N TYR A 153 -22.00 3.29 -25.01
CA TYR A 153 -22.14 2.00 -24.34
C TYR A 153 -23.15 1.98 -23.20
N ILE A 154 -23.15 3.03 -22.36
CA ILE A 154 -24.09 3.07 -21.24
C ILE A 154 -25.45 3.63 -21.68
N GLY A 155 -25.49 4.18 -22.89
CA GLY A 155 -26.75 4.69 -23.41
C GLY A 155 -27.13 6.13 -23.18
N PHE A 156 -26.24 6.92 -22.58
CA PHE A 156 -26.54 8.33 -22.33
C PHE A 156 -25.27 9.17 -22.19
N GLU A 157 -25.41 10.48 -22.36
CA GLU A 157 -24.26 11.35 -22.25
C GLU A 157 -24.07 11.76 -20.79
N ILE A 158 -22.83 11.93 -20.38
CA ILE A 158 -22.53 12.30 -19.01
C ILE A 158 -22.32 13.80 -18.92
N GLN A 159 -22.97 14.42 -17.95
CA GLN A 159 -22.84 15.86 -17.77
C GLN A 159 -21.41 16.30 -17.42
N LYS A 160 -20.93 17.33 -18.12
CA LYS A 160 -19.61 17.86 -17.84
C LYS A 160 -19.80 18.98 -16.81
N ILE A 161 -19.00 18.94 -15.75
CA ILE A 161 -19.08 19.97 -14.71
C ILE A 161 -17.72 20.60 -14.47
N GLU A 162 -17.71 21.73 -13.77
CA GLU A 162 -16.46 22.42 -13.48
C GLU A 162 -16.11 22.37 -12.00
N ALA A 163 -14.83 22.40 -11.68
CA ALA A 163 -14.37 22.37 -10.30
C ALA A 163 -14.94 21.20 -9.54
N ASN B 9 20.20 8.91 6.15
CA ASN B 9 21.44 8.53 6.84
C ASN B 9 21.33 7.10 7.35
N ILE B 10 21.63 6.15 6.47
CA ILE B 10 21.53 4.72 6.78
C ILE B 10 22.62 3.88 6.14
N GLU B 11 23.06 2.85 6.85
CA GLU B 11 24.06 1.90 6.34
C GLU B 11 23.27 0.68 5.83
N HIS B 12 23.36 0.41 4.53
CA HIS B 12 22.65 -0.70 3.87
C HIS B 12 23.55 -1.91 3.63
N ALA B 13 23.02 -3.11 3.82
CA ALA B 13 23.77 -4.33 3.59
C ALA B 13 22.86 -5.47 3.14
N VAL B 14 23.39 -6.32 2.26
CA VAL B 14 22.64 -7.48 1.76
C VAL B 14 23.43 -8.74 2.09
N ILE B 15 22.72 -9.78 2.52
CA ILE B 15 23.37 -11.05 2.82
C ILE B 15 22.64 -12.10 1.99
N GLN B 16 23.39 -12.86 1.20
CA GLN B 16 22.77 -13.88 0.37
C GLN B 16 22.56 -15.13 1.22
N VAL B 17 21.33 -15.63 1.25
CA VAL B 17 21.04 -16.81 2.07
C VAL B 17 19.84 -17.60 1.54
N ARG B 18 19.84 -18.90 1.81
CA ARG B 18 18.73 -19.77 1.40
C ARG B 18 17.61 -19.61 2.43
N GLU B 19 16.37 -19.77 1.99
CA GLU B 19 15.21 -19.63 2.87
C GLU B 19 15.36 -20.39 4.18
N GLU B 20 15.77 -21.66 4.07
CA GLU B 20 15.93 -22.55 5.21
C GLU B 20 16.96 -22.13 6.25
N ASN B 21 17.90 -21.28 5.86
CA ASN B 21 18.96 -20.82 6.76
C ASN B 21 18.73 -19.40 7.27
N LYS B 22 17.56 -18.83 6.99
CA LYS B 22 17.29 -17.47 7.44
C LYS B 22 17.21 -17.28 8.95
N PHE B 23 16.59 -18.23 9.65
CA PHE B 23 16.49 -18.04 11.09
C PHE B 23 17.84 -18.15 11.80
N SER B 24 18.67 -19.09 11.39
CA SER B 24 20.00 -19.22 12.00
C SER B 24 20.75 -17.92 11.78
N LEU B 25 20.64 -17.38 10.56
CA LEU B 25 21.31 -16.13 10.20
C LEU B 25 20.78 -14.99 11.05
N LEU B 26 19.47 -14.93 11.25
CA LEU B 26 18.89 -13.87 12.05
C LEU B 26 19.44 -13.86 13.49
N LYS B 27 19.60 -15.03 14.09
CA LYS B 27 20.12 -15.09 15.46
C LYS B 27 21.52 -14.47 15.53
N ASP B 28 22.36 -14.80 14.56
CA ASP B 28 23.71 -14.25 14.51
C ASP B 28 23.69 -12.73 14.36
N VAL B 29 22.85 -12.23 13.45
CA VAL B 29 22.75 -10.80 13.23
C VAL B 29 22.34 -10.08 14.52
N LEU B 30 21.35 -10.62 15.21
CA LEU B 30 20.88 -10.01 16.45
C LEU B 30 21.98 -10.00 17.52
N MET B 31 22.79 -11.05 17.54
CA MET B 31 23.90 -11.16 18.50
C MET B 31 24.96 -10.10 18.21
N THR B 32 25.35 -9.99 16.95
CA THR B 32 26.37 -9.04 16.56
C THR B 32 25.95 -7.59 16.65
N GLU B 33 24.74 -7.28 16.20
CA GLU B 33 24.23 -5.91 16.22
C GLU B 33 23.63 -5.49 17.56
N ASN B 34 23.15 -6.45 18.34
CA ASN B 34 22.55 -6.20 19.65
C ASN B 34 21.79 -4.88 19.64
N PRO B 35 20.80 -4.76 18.73
CA PRO B 35 19.99 -3.55 18.60
C PRO B 35 19.11 -3.23 19.79
N ASP B 36 18.93 -1.95 20.06
CA ASP B 36 18.07 -1.54 21.16
C ASP B 36 16.64 -1.80 20.73
N SER B 37 16.34 -1.53 19.45
CA SER B 37 15.01 -1.77 18.89
C SER B 37 15.20 -2.25 17.46
N CYS B 38 14.31 -3.13 17.03
CA CYS B 38 14.42 -3.70 15.69
C CYS B 38 13.08 -4.15 15.14
N ILE B 39 12.85 -3.85 13.86
CA ILE B 39 11.65 -4.25 13.16
C ILE B 39 12.11 -5.19 12.06
N ILE B 40 11.46 -6.34 11.95
CA ILE B 40 11.79 -7.38 10.97
C ILE B 40 10.60 -7.53 10.04
N PHE B 41 10.81 -7.20 8.77
CA PHE B 41 9.75 -7.28 7.77
C PHE B 41 9.68 -8.60 6.99
N CYS B 42 8.48 -9.16 6.89
CA CYS B 42 8.24 -10.43 6.18
C CYS B 42 7.23 -10.22 5.10
N ARG B 43 7.18 -11.14 4.13
CA ARG B 43 6.24 -11.01 3.03
C ARG B 43 4.82 -11.44 3.38
N THR B 44 4.70 -12.53 4.13
CA THR B 44 3.40 -13.11 4.45
C THR B 44 3.08 -13.23 5.93
N LYS B 45 1.81 -13.26 6.27
CA LYS B 45 1.43 -13.40 7.68
C LYS B 45 1.86 -14.76 8.22
N GLU B 46 2.01 -15.76 7.34
CA GLU B 46 2.47 -17.07 7.81
C GLU B 46 3.93 -16.95 8.25
N HIS B 47 4.72 -16.17 7.50
CA HIS B 47 6.13 -15.96 7.85
C HIS B 47 6.21 -15.20 9.16
N VAL B 48 5.37 -14.19 9.30
CA VAL B 48 5.34 -13.39 10.52
C VAL B 48 4.99 -14.26 11.73
N ASN B 49 3.95 -15.06 11.61
CA ASN B 49 3.52 -15.92 12.72
C ASN B 49 4.60 -16.92 13.11
N GLN B 50 5.14 -17.62 12.12
CA GLN B 50 6.19 -18.61 12.34
C GLN B 50 7.43 -17.98 12.96
N LEU B 51 7.89 -16.84 12.42
CA LEU B 51 9.07 -16.18 12.95
C LEU B 51 8.89 -15.69 14.37
N THR B 52 7.73 -15.12 14.67
CA THR B 52 7.44 -14.62 16.03
C THR B 52 7.53 -15.80 17.02
N ASP B 53 6.94 -16.93 16.65
CA ASP B 53 6.97 -18.11 17.52
C ASP B 53 8.40 -18.61 17.75
N GLU B 54 9.19 -18.63 16.68
CA GLU B 54 10.58 -19.09 16.80
C GLU B 54 11.41 -18.13 17.67
N LEU B 55 11.25 -16.83 17.44
CA LEU B 55 11.97 -15.85 18.23
C LEU B 55 11.56 -15.98 19.69
N ASP B 56 10.25 -16.09 19.90
CA ASP B 56 9.72 -16.18 21.25
C ASP B 56 10.17 -17.43 22.02
N ASP B 57 10.28 -18.56 21.34
CA ASP B 57 10.71 -19.79 22.01
C ASP B 57 12.22 -19.83 22.27
N LEU B 58 12.97 -18.92 21.68
CA LEU B 58 14.41 -18.88 21.93
C LEU B 58 14.70 -17.88 23.04
N GLY B 59 13.65 -17.22 23.52
CA GLY B 59 13.83 -16.26 24.60
C GLY B 59 13.96 -14.80 24.21
N TYR B 60 13.56 -14.43 22.99
CA TYR B 60 13.63 -13.03 22.57
C TYR B 60 12.21 -12.47 22.64
N PRO B 61 11.84 -11.79 23.72
CA PRO B 61 10.47 -11.27 23.74
C PRO B 61 10.21 -10.39 22.52
N CYS B 62 9.07 -10.62 21.89
CA CYS B 62 8.73 -9.87 20.70
C CYS B 62 7.24 -9.84 20.50
N ASP B 63 6.80 -9.20 19.42
CA ASP B 63 5.38 -9.19 19.10
C ASP B 63 5.25 -9.03 17.59
N LYS B 64 4.03 -9.09 17.09
CA LYS B 64 3.83 -9.07 15.66
C LYS B 64 2.60 -8.32 15.21
N ILE B 65 2.61 -7.95 13.93
CA ILE B 65 1.47 -7.32 13.32
C ILE B 65 1.46 -7.86 11.89
N HIS B 66 0.26 -8.11 11.38
CA HIS B 66 0.11 -8.57 10.00
C HIS B 66 -1.30 -8.17 9.55
N GLY B 67 -1.56 -8.28 8.25
CA GLY B 67 -2.84 -7.88 7.70
C GLY B 67 -4.11 -8.52 8.24
N GLY B 68 -4.00 -9.66 8.91
CA GLY B 68 -5.18 -10.32 9.45
C GLY B 68 -5.71 -9.64 10.70
N MET B 69 -4.91 -8.75 11.30
CA MET B 69 -5.29 -8.02 12.52
C MET B 69 -6.03 -6.70 12.25
N ILE B 70 -7.03 -6.40 13.06
CA ILE B 70 -7.77 -5.17 12.87
C ILE B 70 -6.93 -3.99 13.28
N GLN B 71 -7.28 -2.83 12.77
CA GLN B 71 -6.54 -1.61 13.04
C GLN B 71 -6.12 -1.28 14.47
N GLU B 72 -7.04 -1.29 15.43
CA GLU B 72 -6.61 -0.92 16.78
C GLU B 72 -5.64 -1.90 17.41
N ASP B 73 -5.75 -3.18 17.09
CA ASP B 73 -4.81 -4.14 17.64
C ASP B 73 -3.43 -3.85 17.04
N ARG B 74 -3.39 -3.54 15.75
CA ARG B 74 -2.13 -3.22 15.07
C ARG B 74 -1.53 -1.98 15.71
N PHE B 75 -2.38 -0.97 15.92
CA PHE B 75 -1.94 0.28 16.53
C PHE B 75 -1.45 0.06 17.97
N ASP B 76 -2.19 -0.70 18.76
CA ASP B 76 -1.74 -0.94 20.13
C ASP B 76 -0.39 -1.65 20.16
N VAL B 77 -0.23 -2.69 19.33
CA VAL B 77 1.03 -3.41 19.30
C VAL B 77 2.17 -2.47 18.90
N MET B 78 1.98 -1.66 17.86
CA MET B 78 3.03 -0.73 17.43
C MET B 78 3.33 0.34 18.49
N ASN B 79 2.32 0.81 19.20
CA ASN B 79 2.54 1.80 20.25
C ASN B 79 3.36 1.19 21.39
N GLU B 80 3.09 -0.08 21.69
CA GLU B 80 3.83 -0.76 22.76
C GLU B 80 5.30 -0.90 22.36
N PHE B 81 5.52 -1.19 21.08
CA PHE B 81 6.88 -1.34 20.55
C PHE B 81 7.59 0.02 20.70
N LYS B 82 6.87 1.10 20.42
CA LYS B 82 7.42 2.44 20.54
C LYS B 82 7.74 2.79 22.00
N ARG B 83 7.00 2.18 22.91
CA ARG B 83 7.20 2.38 24.36
C ARG B 83 8.34 1.53 24.92
N GLY B 84 8.85 0.59 24.13
CA GLY B 84 9.92 -0.26 24.61
C GLY B 84 9.47 -1.48 25.41
N GLU B 85 8.22 -1.91 25.25
CA GLU B 85 7.73 -3.06 25.99
C GLU B 85 8.50 -4.35 25.62
N TYR B 86 9.02 -4.38 24.39
CA TYR B 86 9.81 -5.51 23.88
C TYR B 86 10.70 -4.92 22.76
N ARG B 87 11.81 -5.58 22.45
CA ARG B 87 12.74 -5.05 21.45
C ARG B 87 12.54 -5.42 19.98
N TYR B 88 11.80 -6.49 19.72
CA TYR B 88 11.60 -6.92 18.34
C TYR B 88 10.15 -6.96 17.88
N LEU B 89 9.87 -6.27 16.77
CA LEU B 89 8.54 -6.24 16.18
C LEU B 89 8.64 -6.92 14.81
N VAL B 90 7.83 -7.94 14.59
CA VAL B 90 7.83 -8.65 13.31
C VAL B 90 6.59 -8.13 12.61
N ALA B 91 6.77 -7.67 11.38
CA ALA B 91 5.68 -7.07 10.64
C ALA B 91 5.69 -7.29 9.14
N THR B 92 4.57 -6.93 8.51
CA THR B 92 4.40 -6.96 7.06
C THR B 92 4.19 -5.50 6.68
N ASP B 93 4.44 -5.16 5.41
CA ASP B 93 4.27 -3.80 4.95
C ASP B 93 2.87 -3.26 5.14
N VAL B 94 1.87 -4.08 4.80
CA VAL B 94 0.48 -3.65 4.94
C VAL B 94 0.07 -3.32 6.36
N ALA B 95 0.52 -4.12 7.31
CA ALA B 95 0.17 -3.93 8.71
C ALA B 95 0.87 -2.78 9.43
N ALA B 96 2.02 -2.36 8.88
CA ALA B 96 2.78 -1.27 9.50
C ALA B 96 2.30 0.12 9.11
N ARG B 97 1.26 0.20 8.28
CA ARG B 97 0.74 1.50 7.87
C ARG B 97 -0.15 2.11 8.95
N GLY B 98 -0.21 3.43 9.00
CA GLY B 98 -1.07 4.08 9.97
C GLY B 98 -0.36 4.68 11.16
N ILE B 99 0.77 4.10 11.54
CA ILE B 99 1.51 4.63 12.67
C ILE B 99 2.95 4.90 12.27
N ASP B 100 3.41 6.11 12.54
CA ASP B 100 4.76 6.47 12.18
C ASP B 100 5.76 5.91 13.17
N ILE B 101 6.73 5.18 12.64
CA ILE B 101 7.77 4.58 13.44
C ILE B 101 9.09 5.11 12.87
N GLU B 102 9.91 5.71 13.74
CA GLU B 102 11.16 6.27 13.27
C GLU B 102 12.31 6.13 14.24
N ASN B 103 13.52 6.12 13.70
CA ASN B 103 14.74 6.04 14.47
C ASN B 103 14.95 4.70 15.19
N ILE B 104 14.45 3.62 14.60
CA ILE B 104 14.64 2.28 15.14
C ILE B 104 16.10 1.96 14.89
N SER B 105 16.73 1.15 15.73
CA SER B 105 18.14 0.82 15.59
C SER B 105 18.50 -0.01 14.36
N LEU B 106 17.64 -0.98 14.07
CA LEU B 106 17.90 -1.88 12.96
C LEU B 106 16.65 -2.32 12.21
N VAL B 107 16.70 -2.29 10.89
CA VAL B 107 15.58 -2.75 10.10
C VAL B 107 16.13 -3.98 9.39
N ILE B 108 15.39 -5.09 9.48
CA ILE B 108 15.81 -6.30 8.80
C ILE B 108 14.73 -6.73 7.81
N ASN B 109 15.13 -6.91 6.55
CA ASN B 109 14.18 -7.38 5.55
C ASN B 109 14.40 -8.89 5.49
N TYR B 110 13.63 -9.61 6.30
CA TYR B 110 13.72 -11.08 6.35
C TYR B 110 13.35 -11.63 4.96
N ASP B 111 12.38 -11.00 4.32
CA ASP B 111 11.97 -11.32 2.94
C ASP B 111 12.13 -9.99 2.21
N LEU B 112 12.59 -10.02 0.96
CA LEU B 112 12.75 -8.80 0.19
C LEU B 112 11.37 -8.27 -0.20
N PRO B 113 11.18 -6.94 -0.20
CA PRO B 113 9.87 -6.41 -0.58
C PRO B 113 9.62 -6.62 -2.08
N LEU B 114 8.34 -6.68 -2.47
CA LEU B 114 7.94 -6.91 -3.85
C LEU B 114 7.99 -5.66 -4.73
N GLU B 115 8.00 -4.49 -4.10
CA GLU B 115 8.03 -3.22 -4.84
C GLU B 115 9.23 -2.42 -4.33
N LYS B 116 9.94 -1.81 -5.26
CA LYS B 116 11.12 -1.03 -4.90
C LYS B 116 10.83 0.08 -3.88
N GLU B 117 9.67 0.71 -3.99
CA GLU B 117 9.35 1.79 -3.06
C GLU B 117 9.29 1.26 -1.64
N SER B 118 8.77 0.05 -1.48
CA SER B 118 8.65 -0.52 -0.13
C SER B 118 9.99 -0.63 0.58
N TYR B 119 11.07 -0.85 -0.16
CA TYR B 119 12.37 -0.93 0.48
C TYR B 119 12.66 0.41 1.15
N VAL B 120 12.29 1.50 0.49
CA VAL B 120 12.52 2.84 1.04
C VAL B 120 11.59 3.12 2.22
N HIS B 121 10.32 2.73 2.12
CA HIS B 121 9.38 2.96 3.23
C HIS B 121 9.82 2.15 4.46
N ARG B 122 10.32 0.94 4.21
CA ARG B 122 10.77 0.08 5.30
C ARG B 122 12.03 0.62 5.97
N THR B 123 13.09 0.82 5.19
CA THR B 123 14.35 1.32 5.72
C THR B 123 14.25 2.75 6.26
N GLY B 124 13.14 3.42 5.97
CA GLY B 124 12.97 4.78 6.45
C GLY B 124 12.70 4.83 7.95
N ARG B 125 12.36 3.68 8.53
CA ARG B 125 12.07 3.60 9.95
C ARG B 125 13.32 3.63 10.83
N THR B 126 14.48 3.64 10.18
CA THR B 126 15.76 3.70 10.87
C THR B 126 16.56 4.86 10.28
N GLY B 127 17.43 5.45 11.09
CA GLY B 127 18.24 6.54 10.59
C GLY B 127 17.68 7.93 10.86
N ARG B 128 18.57 8.84 11.17
CA ARG B 128 18.20 10.21 11.48
C ARG B 128 19.32 11.17 11.08
N ALA B 129 18.94 12.40 10.71
CA ALA B 129 19.88 13.43 10.28
C ALA B 129 21.29 13.26 10.85
N GLY B 130 21.38 13.04 12.16
CA GLY B 130 22.67 12.87 12.78
C GLY B 130 22.86 11.51 13.42
N ASN B 131 21.83 10.66 13.35
CA ASN B 131 21.90 9.32 13.93
C ASN B 131 21.76 8.26 12.84
N LYS B 132 22.90 7.71 12.43
CA LYS B 132 22.97 6.70 11.39
C LYS B 132 22.20 5.41 11.70
N GLY B 133 21.39 4.96 10.74
CA GLY B 133 20.61 3.75 10.91
C GLY B 133 21.29 2.55 10.25
N LYS B 134 20.64 1.39 10.32
CA LYS B 134 21.19 0.17 9.75
C LYS B 134 20.06 -0.68 9.14
N ALA B 135 20.25 -1.10 7.90
CA ALA B 135 19.26 -1.94 7.22
C ALA B 135 19.95 -3.14 6.59
N ILE B 136 19.56 -4.34 7.03
CA ILE B 136 20.14 -5.58 6.53
C ILE B 136 19.05 -6.36 5.77
N SER B 137 19.38 -6.84 4.58
CA SER B 137 18.39 -7.57 3.80
C SER B 137 18.86 -8.98 3.47
N PHE B 138 17.98 -9.96 3.65
CA PHE B 138 18.30 -11.35 3.34
C PHE B 138 17.83 -11.57 1.91
N VAL B 139 18.71 -12.07 1.06
CA VAL B 139 18.34 -12.29 -0.33
C VAL B 139 18.57 -13.72 -0.78
N THR B 140 17.55 -14.33 -1.37
CA THR B 140 17.67 -15.70 -1.86
C THR B 140 18.03 -15.71 -3.34
N ALA B 141 18.32 -16.91 -3.86
CA ALA B 141 18.69 -17.06 -5.26
C ALA B 141 17.59 -16.69 -6.25
N PHE B 142 16.34 -16.67 -5.80
CA PHE B 142 15.22 -16.35 -6.68
C PHE B 142 14.75 -14.90 -6.58
N GLU B 143 15.57 -14.03 -5.99
CA GLU B 143 15.19 -12.64 -5.82
C GLU B 143 16.17 -11.64 -6.43
N LYS B 144 17.04 -12.12 -7.30
CA LYS B 144 18.03 -11.24 -7.93
C LYS B 144 17.41 -10.05 -8.65
N ARG B 145 16.26 -10.27 -9.30
CA ARG B 145 15.64 -9.18 -10.04
C ARG B 145 15.02 -8.11 -9.14
N PHE B 146 14.36 -8.52 -8.06
CA PHE B 146 13.78 -7.55 -7.16
C PHE B 146 14.91 -6.73 -6.56
N LEU B 147 16.07 -7.36 -6.36
CA LEU B 147 17.23 -6.63 -5.81
C LEU B 147 17.79 -5.61 -6.80
N ALA B 148 17.93 -5.99 -8.07
CA ALA B 148 18.45 -5.06 -9.08
C ALA B 148 17.55 -3.85 -9.21
N ASP B 149 16.24 -4.07 -9.08
CA ASP B 149 15.25 -3.01 -9.20
C ASP B 149 15.38 -2.05 -8.01
N ILE B 150 15.66 -2.60 -6.84
CA ILE B 150 15.82 -1.76 -5.67
C ILE B 150 17.10 -0.93 -5.82
N GLU B 151 18.18 -1.56 -6.26
CA GLU B 151 19.44 -0.86 -6.42
C GLU B 151 19.37 0.24 -7.49
N GLU B 152 18.63 -0.02 -8.55
CA GLU B 152 18.49 0.98 -9.61
C GLU B 152 17.63 2.13 -9.08
N TYR B 153 16.62 1.81 -8.27
CA TYR B 153 15.73 2.83 -7.72
C TYR B 153 16.43 3.74 -6.70
N ILE B 154 17.20 3.17 -5.79
CA ILE B 154 17.88 3.98 -4.78
C ILE B 154 19.15 4.67 -5.30
N GLY B 155 19.65 4.22 -6.45
CA GLY B 155 20.82 4.87 -7.03
C GLY B 155 22.19 4.35 -6.67
N PHE B 156 22.28 3.18 -6.03
CA PHE B 156 23.57 2.63 -5.68
C PHE B 156 23.43 1.16 -5.39
N GLU B 157 24.53 0.43 -5.49
CA GLU B 157 24.53 -1.01 -5.23
C GLU B 157 24.71 -1.24 -3.74
N ILE B 158 23.90 -2.13 -3.17
CA ILE B 158 23.99 -2.41 -1.75
C ILE B 158 25.13 -3.37 -1.47
N GLN B 159 25.96 -3.00 -0.50
CA GLN B 159 27.07 -3.83 -0.13
C GLN B 159 26.63 -5.25 0.24
N LYS B 160 27.31 -6.25 -0.33
CA LYS B 160 27.01 -7.65 -0.05
C LYS B 160 28.05 -8.10 0.97
N ILE B 161 27.58 -8.58 2.12
CA ILE B 161 28.48 -9.01 3.18
C ILE B 161 28.27 -10.47 3.53
N GLU B 162 29.26 -11.06 4.19
CA GLU B 162 29.16 -12.46 4.58
C GLU B 162 28.52 -12.58 5.95
N ALA B 163 28.66 -11.53 6.75
CA ALA B 163 28.13 -11.48 8.11
C ALA B 163 26.84 -12.28 8.28
#